data_2WKH
#
_entry.id   2WKH
#
_cell.length_a   48.920
_cell.length_b   97.090
_cell.length_c   126.130
_cell.angle_alpha   90.00
_cell.angle_beta   90.00
_cell.angle_gamma   90.00
#
_symmetry.space_group_name_H-M   'P 21 21 21'
#
loop_
_entity.id
_entity.type
_entity.pdbx_description
1 polymer 'BETA-LACTAMASE OXA-10'
2 non-polymer '(2R,4S)-2-[(R)-{[(2R)-2-amino-2-phenylacetyl]amino}(carboxy)methyl]-5,5-dimethyl-1,3-thiazolidine-4-carboxylic acid'
3 non-polymer 'SULFATE ION'
4 water water
#
_entity_poly.entity_id   1
_entity_poly.type   'polypeptide(L)'
_entity_poly.pdbx_seq_one_letter_code
;MGSITENTSWNKEFSAEAVNGVFVLCKSSSKSCATNDLARASKEYLPASTFCIPNAIIGLETGVIKNEHQVFKWDGKPRA
MKQWERDLTLRGAIQVSAVPVFQQIAREVGEVRMQKYLKKFSYGNQNISGGIDKFWLEGQLRISAVNQVEFLESLYLNKL
SASKENQLIVKEALVTEAAPEYLVHSKTGFSGVGTESNPGVAWWVGWVEKETEVYFFAFNMDIDNESKLPLRKSIPTKIM
ESEGIIGG
;
_entity_poly.pdbx_strand_id   A,B
#
loop_
_chem_comp.id
_chem_comp.type
_chem_comp.name
_chem_comp.formula
SO4 non-polymer 'SULFATE ION' 'O4 S -2'
ZZ7 non-polymer '(2R,4S)-2-[(R)-{[(2R)-2-amino-2-phenylacetyl]amino}(carboxy)methyl]-5,5-dimethyl-1,3-thiazolidine-4-carboxylic acid' 'C16 H21 N3 O5 S'
#
# COMPACT_ATOMS: atom_id res chain seq x y z
N SER A 3 -17.10 -19.04 -15.67
CA SER A 3 -18.40 -19.32 -15.05
C SER A 3 -18.90 -18.22 -14.11
N ILE A 4 -20.12 -17.74 -14.36
CA ILE A 4 -20.68 -16.65 -13.58
C ILE A 4 -22.04 -17.07 -13.08
N THR A 5 -22.30 -16.84 -11.80
N THR A 5 -22.31 -16.81 -11.81
CA THR A 5 -23.54 -17.27 -11.19
CA THR A 5 -23.55 -17.27 -11.20
C THR A 5 -24.29 -16.07 -10.61
C THR A 5 -24.30 -16.13 -10.52
N GLU A 6 -25.63 -16.11 -10.68
CA GLU A 6 -26.43 -14.98 -10.25
CA GLU A 6 -26.41 -14.97 -10.25
C GLU A 6 -26.77 -15.14 -8.78
N ASN A 7 -26.56 -14.08 -8.01
CA ASN A 7 -26.94 -14.08 -6.61
C ASN A 7 -28.08 -13.10 -6.45
N THR A 8 -29.25 -13.65 -6.17
CA THR A 8 -30.50 -12.94 -6.17
C THR A 8 -30.59 -11.89 -5.08
N SER A 9 -29.94 -12.19 -3.96
CA SER A 9 -30.05 -11.38 -2.76
C SER A 9 -29.30 -10.06 -2.89
N TRP A 10 -28.42 -9.95 -3.88
CA TRP A 10 -27.63 -8.73 -4.02
C TRP A 10 -28.46 -7.65 -4.64
N ASN A 11 -29.53 -8.07 -5.32
CA ASN A 11 -30.44 -7.13 -5.94
C ASN A 11 -31.07 -6.12 -4.99
N LYS A 12 -31.31 -6.54 -3.74
CA LYS A 12 -31.94 -5.65 -2.78
C LYS A 12 -31.22 -4.30 -2.70
N GLU A 13 -29.89 -4.32 -2.77
CA GLU A 13 -29.13 -3.10 -2.60
C GLU A 13 -29.32 -2.09 -3.74
N PHE A 14 -29.69 -2.57 -4.94
CA PHE A 14 -29.88 -1.67 -6.07
C PHE A 14 -31.29 -1.13 -6.05
N SER A 15 -32.23 -1.99 -5.65
CA SER A 15 -33.64 -1.64 -5.57
C SER A 15 -33.83 -0.54 -4.56
N ALA A 16 -33.17 -0.68 -3.42
CA ALA A 16 -33.23 0.33 -2.39
C ALA A 16 -33.08 1.72 -3.00
N GLU A 17 -31.96 1.91 -3.70
CA GLU A 17 -31.56 3.21 -4.25
C GLU A 17 -32.09 3.50 -5.65
N ALA A 18 -32.85 2.57 -6.21
CA ALA A 18 -33.38 2.69 -7.57
C ALA A 18 -32.28 2.86 -8.61
N VAL A 19 -31.25 2.03 -8.50
CA VAL A 19 -30.10 2.08 -9.37
C VAL A 19 -30.04 0.84 -10.28
N ASN A 20 -29.82 1.07 -11.56
CA ASN A 20 -29.50 0.00 -12.51
C ASN A 20 -28.00 -0.16 -12.68
N GLY A 21 -27.51 -1.32 -12.29
CA GLY A 21 -26.09 -1.57 -12.39
C GLY A 21 -25.78 -3.04 -12.19
N VAL A 22 -24.49 -3.35 -12.04
CA VAL A 22 -24.08 -4.70 -11.76
C VAL A 22 -22.91 -4.70 -10.80
N PHE A 23 -22.79 -5.76 -10.02
CA PHE A 23 -21.61 -6.01 -9.22
C PHE A 23 -21.14 -7.45 -9.50
N VAL A 24 -19.85 -7.63 -9.73
CA VAL A 24 -19.27 -8.93 -9.98
C VAL A 24 -18.23 -9.14 -8.89
N LEU A 25 -18.25 -10.29 -8.23
CA LEU A 25 -17.33 -10.60 -7.12
C LEU A 25 -16.77 -12.02 -7.27
N CYS A 26 -15.46 -12.18 -7.09
CA CYS A 26 -14.79 -13.47 -7.32
C CYS A 26 -13.81 -13.82 -6.21
N LYS A 27 -13.94 -15.01 -5.64
CA LYS A 27 -13.05 -15.46 -4.59
C LYS A 27 -11.90 -16.26 -5.22
N SER A 28 -10.67 -16.00 -4.76
CA SER A 28 -9.46 -16.77 -5.16
C SER A 28 -9.06 -16.50 -6.57
N SER A 29 -10.04 -16.51 -7.47
CA SER A 29 -9.79 -16.37 -8.91
C SER A 29 -11.05 -16.07 -9.70
N SER A 30 -10.89 -15.78 -10.99
CA SER A 30 -12.01 -15.45 -11.87
C SER A 30 -12.67 -16.68 -12.52
N LYS A 31 -12.42 -17.86 -11.95
CA LYS A 31 -13.03 -19.12 -12.39
C LYS A 31 -14.52 -19.10 -12.05
N SER A 32 -14.80 -18.78 -10.80
CA SER A 32 -16.16 -18.78 -10.29
C SER A 32 -16.48 -17.41 -9.72
N CYS A 33 -17.28 -16.66 -10.47
CA CYS A 33 -17.70 -15.34 -10.03
C CYS A 33 -19.20 -15.33 -9.72
N ALA A 34 -19.62 -14.40 -8.87
CA ALA A 34 -21.01 -14.23 -8.55
C ALA A 34 -21.43 -12.82 -8.92
N THR A 35 -22.69 -12.66 -9.29
CA THR A 35 -23.16 -11.38 -9.77
C THR A 35 -24.62 -11.22 -9.51
N ASN A 36 -25.08 -9.97 -9.54
CA ASN A 36 -26.50 -9.75 -9.44
C ASN A 36 -27.23 -9.83 -10.79
N ASP A 37 -26.48 -9.81 -11.90
CA ASP A 37 -27.13 -9.80 -13.21
C ASP A 37 -26.22 -10.40 -14.26
N LEU A 38 -26.56 -11.60 -14.75
CA LEU A 38 -25.72 -12.28 -15.72
C LEU A 38 -25.46 -11.40 -16.94
N ALA A 39 -26.50 -10.80 -17.51
CA ALA A 39 -26.31 -10.05 -18.75
C ALA A 39 -25.41 -8.83 -18.57
N ARG A 40 -25.72 -8.03 -17.56
CA ARG A 40 -24.97 -6.81 -17.36
C ARG A 40 -23.53 -7.06 -16.93
N ALA A 41 -23.24 -8.21 -16.33
CA ALA A 41 -21.87 -8.51 -15.97
C ALA A 41 -20.89 -8.50 -17.16
N SER A 42 -21.32 -8.98 -18.31
CA SER A 42 -20.46 -9.09 -19.49
C SER A 42 -20.74 -7.97 -20.52
N LYS A 43 -21.62 -7.06 -20.15
CA LYS A 43 -21.86 -5.86 -20.98
C LYS A 43 -20.70 -4.85 -20.86
N GLU A 44 -20.29 -4.24 -21.98
CA GLU A 44 -19.09 -3.43 -21.99
C GLU A 44 -19.47 -1.96 -21.97
N TYR A 45 -18.76 -1.22 -21.15
CA TYR A 45 -18.94 0.22 -20.98
C TYR A 45 -17.59 0.92 -21.08
N LEU A 46 -17.66 2.21 -21.37
CA LEU A 46 -16.47 3.09 -21.40
C LEU A 46 -15.73 2.98 -20.06
N PRO A 47 -14.39 2.73 -20.07
CA PRO A 47 -13.78 2.55 -18.74
C PRO A 47 -13.65 3.83 -17.89
N ALA A 48 -13.62 5.00 -18.54
CA ALA A 48 -13.27 6.27 -17.89
C ALA A 48 -12.04 6.12 -17.01
N SER A 49 -12.04 6.70 -15.82
CA SER A 49 -10.78 6.74 -15.12
C SER A 49 -10.30 5.38 -14.59
N THR A 50 -11.10 4.35 -14.70
CA THR A 50 -10.53 3.01 -14.35
C THR A 50 -9.41 2.67 -15.32
N PHE A 51 -9.40 3.38 -16.44
CA PHE A 51 -8.32 3.23 -17.42
C PHE A 51 -6.94 3.65 -16.90
N CYS A 52 -6.85 4.44 -15.82
CA CYS A 52 -5.58 4.88 -15.26
CA CYS A 52 -5.53 4.88 -15.42
C CYS A 52 -4.68 3.67 -15.04
N ILE A 53 -5.32 2.55 -14.69
CA ILE A 53 -4.49 1.37 -14.34
C ILE A 53 -3.70 0.82 -15.54
N PRO A 54 -4.37 0.48 -16.68
CA PRO A 54 -3.49 0.02 -17.76
C PRO A 54 -2.64 1.17 -18.29
N ASN A 55 -3.18 2.38 -18.27
CA ASN A 55 -2.41 3.53 -18.76
C ASN A 55 -1.09 3.67 -17.95
N ALA A 56 -1.16 3.49 -16.64
CA ALA A 56 0.04 3.64 -15.81
C ALA A 56 1.06 2.53 -16.11
N ILE A 57 0.58 1.29 -16.23
CA ILE A 57 1.46 0.15 -16.53
C ILE A 57 2.18 0.36 -17.86
N ILE A 58 1.42 0.74 -18.87
CA ILE A 58 1.98 0.98 -20.19
C ILE A 58 2.94 2.18 -20.14
N GLY A 59 2.65 3.17 -19.30
CA GLY A 59 3.55 4.33 -19.16
C GLY A 59 4.91 3.91 -18.63
N LEU A 60 4.86 3.10 -17.58
CA LEU A 60 6.06 2.58 -16.99
C LEU A 60 6.81 1.67 -17.96
N GLU A 61 6.09 0.74 -18.57
CA GLU A 61 6.68 -0.22 -19.48
C GLU A 61 7.41 0.44 -20.61
N THR A 62 6.84 1.53 -21.12
CA THR A 62 7.45 2.17 -22.28
C THR A 62 8.56 3.14 -21.88
N GLY A 63 8.72 3.35 -20.57
CA GLY A 63 9.65 4.36 -20.09
C GLY A 63 9.17 5.79 -20.33
N VAL A 64 7.91 5.97 -20.70
CA VAL A 64 7.33 7.34 -20.68
C VAL A 64 7.28 7.81 -19.24
N ILE A 65 6.87 6.93 -18.32
CA ILE A 65 7.01 7.20 -16.89
C ILE A 65 8.35 6.61 -16.46
N LYS A 66 9.27 7.45 -15.99
CA LYS A 66 10.64 7.01 -15.76
C LYS A 66 10.69 5.98 -14.66
N ASN A 67 10.05 6.28 -13.55
CA ASN A 67 10.03 5.34 -12.46
C ASN A 67 8.96 5.57 -11.40
N GLU A 68 9.08 4.74 -10.38
CA GLU A 68 8.26 4.82 -9.20
C GLU A 68 8.13 6.26 -8.65
N HIS A 69 9.20 7.05 -8.70
CA HIS A 69 9.26 8.31 -7.96
C HIS A 69 9.11 9.55 -8.84
N GLN A 70 8.69 9.35 -10.06
CA GLN A 70 8.61 10.50 -10.93
C GLN A 70 7.46 11.41 -10.49
N VAL A 71 7.69 12.71 -10.63
CA VAL A 71 6.75 13.76 -10.29
C VAL A 71 6.26 14.41 -11.58
N PHE A 72 4.95 14.40 -11.76
CA PHE A 72 4.34 15.02 -12.89
C PHE A 72 4.14 16.48 -12.54
N LYS A 73 4.96 17.35 -13.13
CA LYS A 73 4.91 18.77 -12.81
C LYS A 73 3.72 19.47 -13.43
N TRP A 74 3.09 20.36 -12.66
CA TRP A 74 2.06 21.23 -13.20
C TRP A 74 2.73 22.44 -13.90
N ASP A 75 2.36 22.71 -15.15
CA ASP A 75 2.84 23.92 -15.86
C ASP A 75 2.23 25.26 -15.39
N GLY A 76 1.21 25.21 -14.55
CA GLY A 76 0.57 26.42 -14.09
C GLY A 76 -0.60 26.84 -14.96
N LYS A 77 -0.83 26.16 -16.08
CA LYS A 77 -1.98 26.44 -16.94
C LYS A 77 -3.22 25.77 -16.35
N PRO A 78 -4.39 26.36 -16.60
CA PRO A 78 -5.63 25.92 -15.98
C PRO A 78 -5.94 24.47 -16.30
N ARG A 79 -6.36 23.71 -15.29
CA ARG A 79 -6.88 22.36 -15.47
C ARG A 79 -8.29 22.24 -14.95
N ALA A 80 -9.00 21.21 -15.39
CA ALA A 80 -10.45 21.17 -15.27
C ALA A 80 -10.90 21.00 -13.84
N MET A 81 -10.00 20.55 -12.97
CA MET A 81 -10.28 20.52 -11.52
C MET A 81 -9.14 21.09 -10.71
N LYS A 82 -9.45 21.85 -9.67
CA LYS A 82 -8.41 22.43 -8.81
C LYS A 82 -7.47 21.41 -8.17
N GLN A 83 -7.98 20.25 -7.82
CA GLN A 83 -7.14 19.21 -7.22
C GLN A 83 -6.13 18.64 -8.24
N TRP A 84 -6.27 19.00 -9.51
CA TRP A 84 -5.27 18.59 -10.51
C TRP A 84 -4.23 19.68 -10.67
N GLU A 85 -4.51 20.86 -10.13
CA GLU A 85 -3.58 21.99 -10.33
C GLU A 85 -2.38 22.02 -9.37
N ARG A 86 -1.54 20.99 -9.42
CA ARG A 86 -0.41 20.89 -8.52
C ARG A 86 0.47 19.77 -9.03
N ASP A 87 1.70 19.68 -8.54
CA ASP A 87 2.61 18.59 -8.88
C ASP A 87 2.05 17.30 -8.31
N LEU A 88 2.24 16.20 -9.00
CA LEU A 88 1.63 14.96 -8.54
C LEU A 88 2.62 13.81 -8.69
N THR A 89 2.67 12.92 -7.72
CA THR A 89 3.37 11.66 -7.97
C THR A 89 2.39 10.79 -8.74
N LEU A 90 2.83 9.57 -9.09
CA LEU A 90 1.99 8.61 -9.75
C LEU A 90 0.77 8.25 -8.89
N ARG A 91 0.99 7.93 -7.62
N ARG A 91 1.03 7.94 -7.63
CA ARG A 91 -0.16 7.59 -6.79
CA ARG A 91 -0.06 7.60 -6.72
C ARG A 91 -1.08 8.78 -6.67
C ARG A 91 -1.03 8.75 -6.59
N GLY A 92 -0.51 9.97 -6.48
CA GLY A 92 -1.34 11.15 -6.35
C GLY A 92 -2.25 11.32 -7.57
N ALA A 93 -1.67 11.12 -8.75
CA ALA A 93 -2.37 11.25 -10.01
C ALA A 93 -3.46 10.17 -10.18
N ILE A 94 -3.15 8.94 -9.80
CA ILE A 94 -4.16 7.89 -9.79
C ILE A 94 -5.25 8.22 -8.80
N GLN A 95 -4.88 8.60 -7.58
CA GLN A 95 -5.87 8.80 -6.51
C GLN A 95 -6.87 9.90 -6.79
N VAL A 96 -6.48 10.92 -7.55
CA VAL A 96 -7.40 12.00 -7.80
C VAL A 96 -7.82 11.99 -9.27
N SER A 97 -7.48 10.92 -9.97
N SER A 97 -7.53 10.91 -9.99
CA SER A 97 -7.84 10.75 -11.38
CA SER A 97 -7.91 10.77 -11.41
C SER A 97 -7.46 11.98 -12.21
C SER A 97 -7.47 11.98 -12.26
N ALA A 98 -6.17 12.29 -12.21
CA ALA A 98 -5.69 13.50 -12.90
C ALA A 98 -5.65 13.31 -14.42
N VAL A 99 -6.79 13.51 -15.06
CA VAL A 99 -6.90 13.27 -16.50
C VAL A 99 -5.75 13.90 -17.32
N PRO A 100 -5.44 15.20 -17.09
CA PRO A 100 -4.41 15.83 -17.93
C PRO A 100 -3.10 15.05 -17.88
N VAL A 101 -2.79 14.49 -16.71
CA VAL A 101 -1.53 13.72 -16.56
C VAL A 101 -1.56 12.45 -17.44
N PHE A 102 -2.65 11.70 -17.34
CA PHE A 102 -2.84 10.51 -18.15
C PHE A 102 -2.99 10.82 -19.65
N GLN A 103 -3.47 12.02 -19.95
CA GLN A 103 -3.62 12.46 -21.33
C GLN A 103 -2.24 12.64 -21.97
N GLN A 104 -1.32 13.33 -21.27
CA GLN A 104 0.04 13.48 -21.71
C GLN A 104 0.80 12.14 -21.73
N ILE A 105 0.59 11.27 -20.74
CA ILE A 105 1.18 9.92 -20.85
C ILE A 105 0.73 9.20 -22.13
N ALA A 106 -0.59 9.21 -22.40
CA ALA A 106 -1.13 8.58 -23.63
C ALA A 106 -0.56 9.14 -24.93
N ARG A 107 -0.41 10.46 -25.02
CA ARG A 107 0.15 11.07 -26.25
C ARG A 107 1.55 10.51 -26.48
N GLU A 108 2.32 10.42 -25.39
CA GLU A 108 3.69 9.96 -25.47
C GLU A 108 3.82 8.47 -25.81
N VAL A 109 3.05 7.61 -25.14
CA VAL A 109 2.90 6.24 -25.60
C VAL A 109 2.56 6.12 -27.13
N GLY A 110 1.61 6.92 -27.62
CA GLY A 110 1.23 6.89 -29.06
C GLY A 110 0.31 5.71 -29.36
N GLU A 111 -0.46 5.84 -30.46
CA GLU A 111 -1.48 4.86 -30.89
C GLU A 111 -0.91 3.47 -31.04
N VAL A 112 0.22 3.37 -31.71
CA VAL A 112 0.78 2.05 -32.02
C VAL A 112 1.14 1.25 -30.77
N ARG A 113 1.93 1.81 -29.87
CA ARG A 113 2.22 1.05 -28.65
C ARG A 113 0.96 0.84 -27.82
N MET A 114 0.10 1.85 -27.74
CA MET A 114 -1.12 1.72 -26.90
C MET A 114 -1.94 0.53 -27.39
N GLN A 115 -2.06 0.40 -28.72
CA GLN A 115 -2.86 -0.68 -29.28
C GLN A 115 -2.20 -2.01 -28.91
N LYS A 116 -0.88 -2.06 -29.06
CA LYS A 116 -0.17 -3.30 -28.78
C LYS A 116 -0.40 -3.75 -27.35
N TYR A 117 -0.20 -2.86 -26.40
CA TYR A 117 -0.45 -3.25 -25.01
C TYR A 117 -1.90 -3.64 -24.67
N LEU A 118 -2.93 -2.94 -25.16
CA LEU A 118 -4.28 -3.36 -24.78
C LEU A 118 -4.58 -4.71 -25.44
N LYS A 119 -3.97 -4.99 -26.60
CA LYS A 119 -4.15 -6.31 -27.17
C LYS A 119 -3.45 -7.33 -26.24
N LYS A 120 -2.20 -7.07 -25.86
CA LYS A 120 -1.52 -7.91 -24.87
C LYS A 120 -2.30 -8.13 -23.56
N PHE A 121 -3.02 -7.11 -23.11
CA PHE A 121 -3.72 -7.17 -21.84
C PHE A 121 -5.15 -7.72 -21.97
N SER A 122 -5.59 -8.05 -23.19
CA SER A 122 -7.02 -8.35 -23.49
C SER A 122 -7.97 -7.37 -22.81
N TYR A 123 -7.75 -6.10 -23.04
CA TYR A 123 -8.46 -5.10 -22.29
C TYR A 123 -9.68 -4.70 -23.04
N GLY A 124 -10.81 -5.32 -22.72
CA GLY A 124 -12.10 -4.94 -23.29
C GLY A 124 -12.15 -5.07 -24.82
N ASN A 125 -12.81 -4.14 -25.48
CA ASN A 125 -12.91 -4.33 -26.91
C ASN A 125 -11.63 -3.86 -27.62
N GLN A 126 -10.69 -3.30 -26.86
CA GLN A 126 -9.36 -2.93 -27.38
C GLN A 126 -9.46 -1.93 -28.50
N ASN A 127 -10.52 -1.13 -28.47
CA ASN A 127 -10.75 -0.11 -29.48
C ASN A 127 -10.27 1.28 -29.03
N ILE A 128 -9.16 1.77 -29.57
CA ILE A 128 -8.61 3.04 -29.08
C ILE A 128 -8.92 4.23 -30.01
N SER A 129 -9.79 4.03 -30.98
CA SER A 129 -10.11 5.11 -31.90
C SER A 129 -10.89 6.26 -31.22
N GLY A 130 -10.78 7.44 -31.81
CA GLY A 130 -11.46 8.60 -31.30
C GLY A 130 -10.51 9.63 -30.72
N GLY A 131 -9.20 9.42 -30.87
CA GLY A 131 -8.24 10.39 -30.40
C GLY A 131 -7.40 9.81 -29.29
N ILE A 132 -6.08 9.95 -29.43
CA ILE A 132 -5.15 9.25 -28.51
C ILE A 132 -5.26 9.72 -27.03
N ASP A 133 -5.71 10.95 -26.80
CA ASP A 133 -5.76 11.49 -25.45
C ASP A 133 -7.16 11.52 -24.86
N LYS A 134 -8.09 10.77 -25.46
CA LYS A 134 -9.48 10.77 -25.00
C LYS A 134 -10.30 9.51 -25.32
N PHE A 135 -9.69 8.46 -25.88
CA PHE A 135 -10.51 7.34 -26.29
C PHE A 135 -11.20 6.62 -25.13
N TRP A 136 -10.62 6.70 -23.93
CA TRP A 136 -11.21 6.07 -22.71
C TRP A 136 -12.23 6.92 -21.98
N LEU A 137 -12.38 8.16 -22.46
CA LEU A 137 -13.20 9.15 -21.85
C LEU A 137 -14.43 9.36 -22.70
N GLU A 138 -14.24 9.37 -24.02
CA GLU A 138 -15.39 9.65 -24.88
C GLU A 138 -15.34 8.86 -26.14
N GLY A 139 -14.34 8.00 -26.28
CA GLY A 139 -14.17 7.32 -27.55
C GLY A 139 -15.02 6.06 -27.66
N GLN A 140 -14.44 5.02 -28.24
CA GLN A 140 -15.13 3.78 -28.51
C GLN A 140 -14.62 2.61 -27.66
N LEU A 141 -13.64 2.86 -26.79
CA LEU A 141 -13.12 1.76 -25.95
C LEU A 141 -14.22 1.33 -24.98
N ARG A 142 -14.40 0.03 -24.76
CA ARG A 142 -15.47 -0.46 -23.86
C ARG A 142 -14.91 -1.69 -23.15
N ILE A 143 -15.37 -1.94 -21.92
CA ILE A 143 -14.92 -3.12 -21.16
C ILE A 143 -16.02 -3.48 -20.13
N SER A 144 -16.21 -4.76 -19.86
CA SER A 144 -17.17 -5.24 -18.86
C SER A 144 -16.65 -5.42 -17.41
N ALA A 145 -17.58 -5.51 -16.46
CA ALA A 145 -17.21 -5.86 -15.10
C ALA A 145 -16.39 -7.17 -15.07
N VAL A 146 -16.78 -8.15 -15.87
CA VAL A 146 -16.10 -9.45 -15.85
C VAL A 146 -14.68 -9.26 -16.38
N ASN A 147 -14.53 -8.51 -17.48
CA ASN A 147 -13.20 -8.28 -18.05
C ASN A 147 -12.34 -7.50 -17.05
N GLN A 148 -12.95 -6.61 -16.27
CA GLN A 148 -12.14 -5.85 -15.31
C GLN A 148 -11.53 -6.80 -14.28
N VAL A 149 -12.35 -7.71 -13.77
CA VAL A 149 -11.91 -8.63 -12.73
C VAL A 149 -10.78 -9.56 -13.21
N GLU A 150 -10.90 -10.01 -14.45
CA GLU A 150 -9.84 -10.79 -15.04
C GLU A 150 -8.57 -10.00 -15.17
N PHE A 151 -8.68 -8.74 -15.59
CA PHE A 151 -7.51 -7.90 -15.77
C PHE A 151 -6.82 -7.65 -14.41
N LEU A 152 -7.60 -7.33 -13.39
CA LEU A 152 -7.04 -7.00 -12.09
C LEU A 152 -6.48 -8.30 -11.46
N GLU A 153 -7.03 -9.42 -11.89
CA GLU A 153 -6.55 -10.67 -11.31
C GLU A 153 -5.15 -10.91 -11.86
N SER A 154 -4.99 -10.70 -13.15
CA SER A 154 -3.69 -10.87 -13.76
C SER A 154 -2.67 -9.89 -13.18
N LEU A 155 -3.07 -8.63 -12.94
CA LEU A 155 -2.17 -7.68 -12.28
C LEU A 155 -1.83 -8.20 -10.86
N TYR A 156 -2.83 -8.62 -10.12
CA TYR A 156 -2.52 -9.16 -8.80
C TYR A 156 -1.43 -10.27 -8.80
N LEU A 157 -1.44 -11.12 -9.83
CA LEU A 157 -0.53 -12.26 -9.91
C LEU A 157 0.76 -11.91 -10.64
N ASN A 158 0.94 -10.63 -10.96
CA ASN A 158 2.10 -10.21 -11.73
C ASN A 158 2.16 -10.93 -13.07
N LYS A 159 0.99 -11.30 -13.60
CA LYS A 159 0.94 -12.04 -14.85
C LYS A 159 0.56 -11.20 -16.09
N LEU A 160 0.48 -9.87 -15.95
CA LEU A 160 0.39 -9.03 -17.14
C LEU A 160 1.75 -9.03 -17.86
N SER A 161 1.72 -8.78 -19.16
CA SER A 161 2.94 -8.59 -19.95
C SER A 161 3.67 -7.28 -19.64
N ALA A 162 4.36 -7.25 -18.52
CA ALA A 162 5.03 -6.05 -18.04
C ALA A 162 5.93 -6.59 -16.97
N SER A 163 6.96 -5.83 -16.59
CA SER A 163 7.86 -6.32 -15.55
C SER A 163 7.11 -6.51 -14.23
N LYS A 164 7.53 -7.46 -13.42
CA LYS A 164 6.94 -7.62 -12.08
C LYS A 164 7.08 -6.31 -11.28
N GLU A 165 8.22 -5.66 -11.48
CA GLU A 165 8.54 -4.38 -10.89
C GLU A 165 7.51 -3.30 -11.23
N ASN A 166 7.21 -3.12 -12.51
CA ASN A 166 6.20 -2.15 -12.90
C ASN A 166 4.80 -2.51 -12.39
N GLN A 167 4.52 -3.80 -12.25
CA GLN A 167 3.22 -4.22 -11.72
C GLN A 167 3.12 -3.93 -10.23
N LEU A 168 4.22 -4.16 -9.51
CA LEU A 168 4.24 -3.86 -8.07
C LEU A 168 4.07 -2.36 -7.83
N ILE A 169 4.70 -1.53 -8.66
CA ILE A 169 4.66 -0.07 -8.48
C ILE A 169 3.22 0.40 -8.60
N VAL A 170 2.53 -0.12 -9.60
CA VAL A 170 1.14 0.27 -9.81
C VAL A 170 0.24 -0.28 -8.71
N LYS A 171 0.49 -1.51 -8.32
CA LYS A 171 -0.36 -2.06 -7.27
C LYS A 171 -0.31 -1.20 -6.01
N GLU A 172 0.89 -0.80 -5.59
CA GLU A 172 1.01 0.05 -4.40
C GLU A 172 0.30 1.40 -4.61
N ALA A 173 0.42 1.99 -5.81
CA ALA A 173 -0.28 3.24 -6.09
C ALA A 173 -1.80 3.10 -5.96
N LEU A 174 -2.28 1.86 -5.98
CA LEU A 174 -3.71 1.61 -5.98
C LEU A 174 -4.29 1.29 -4.60
N VAL A 175 -3.46 1.17 -3.55
CA VAL A 175 -3.97 0.90 -2.22
C VAL A 175 -4.92 2.03 -1.80
N THR A 176 -6.15 1.71 -1.37
CA THR A 176 -7.08 2.75 -0.94
C THR A 176 -7.56 2.50 0.49
N GLU A 177 -7.25 1.35 1.06
CA GLU A 177 -7.66 1.16 2.45
C GLU A 177 -6.84 0.06 3.11
N ALA A 178 -6.34 0.33 4.32
CA ALA A 178 -5.42 -0.59 4.95
C ALA A 178 -5.93 -0.78 6.35
N ALA A 179 -6.14 -2.04 6.70
CA ALA A 179 -6.50 -2.42 8.06
C ALA A 179 -5.61 -3.60 8.42
N PRO A 180 -5.44 -3.84 9.72
CA PRO A 180 -4.66 -5.02 10.10
C PRO A 180 -5.18 -6.29 9.42
N GLU A 181 -6.50 -6.45 9.36
CA GLU A 181 -7.14 -7.66 8.83
C GLU A 181 -7.20 -7.77 7.30
N TYR A 182 -6.94 -6.68 6.58
CA TYR A 182 -7.09 -6.67 5.13
C TYR A 182 -6.62 -5.40 4.42
N LEU A 183 -6.32 -5.55 3.14
CA LEU A 183 -5.88 -4.46 2.29
C LEU A 183 -6.81 -4.31 1.08
N VAL A 184 -7.22 -3.08 0.76
CA VAL A 184 -8.05 -2.83 -0.41
C VAL A 184 -7.23 -2.04 -1.42
N HIS A 185 -7.21 -2.50 -2.69
CA HIS A 185 -6.73 -1.72 -3.83
C HIS A 185 -7.96 -1.51 -4.68
N SER A 186 -8.17 -0.32 -5.19
CA SER A 186 -9.39 -0.03 -5.95
C SER A 186 -9.19 1.23 -6.79
N LYS A 187 -10.11 1.43 -7.73
CA LYS A 187 -10.04 2.62 -8.59
C LYS A 187 -11.48 2.97 -9.03
N THR A 188 -11.86 4.26 -8.95
CA THR A 188 -13.17 4.73 -9.38
C THR A 188 -13.11 5.22 -10.83
N GLY A 189 -14.26 5.40 -11.45
CA GLY A 189 -14.34 6.03 -12.77
C GLY A 189 -15.75 6.59 -12.89
N PHE A 190 -15.90 7.66 -13.66
CA PHE A 190 -17.18 8.33 -13.90
C PHE A 190 -17.10 8.97 -15.29
N SER A 191 -17.92 8.55 -16.25
CA SER A 191 -17.80 9.14 -17.60
C SER A 191 -18.46 10.52 -17.71
N GLY A 192 -19.53 10.75 -16.96
CA GLY A 192 -20.28 11.99 -17.05
C GLY A 192 -21.74 11.67 -16.90
N VAL A 193 -22.60 12.69 -16.95
CA VAL A 193 -24.03 12.48 -16.73
C VAL A 193 -24.83 12.00 -17.96
N GLY A 194 -24.30 12.22 -19.17
CA GLY A 194 -25.10 11.97 -20.36
C GLY A 194 -26.51 12.56 -20.24
N THR A 195 -27.54 11.78 -20.57
CA THR A 195 -28.93 12.22 -20.38
C THR A 195 -29.74 11.16 -19.67
N GLU A 196 -31.04 11.42 -19.49
CA GLU A 196 -31.93 10.40 -18.94
C GLU A 196 -32.12 9.27 -19.92
N SER A 197 -32.21 9.62 -21.20
CA SER A 197 -32.38 8.64 -22.27
C SER A 197 -31.05 7.93 -22.58
N ASN A 198 -29.93 8.58 -22.28
CA ASN A 198 -28.63 7.92 -22.41
C ASN A 198 -27.64 8.32 -21.32
N PRO A 199 -27.67 7.60 -20.20
CA PRO A 199 -26.98 7.96 -18.97
C PRO A 199 -25.49 7.66 -19.09
N GLY A 200 -24.69 8.41 -18.34
CA GLY A 200 -23.27 8.07 -18.20
C GLY A 200 -23.17 6.80 -17.36
N VAL A 201 -21.95 6.38 -17.08
CA VAL A 201 -21.68 5.19 -16.30
C VAL A 201 -20.70 5.53 -15.19
N ALA A 202 -20.80 4.83 -14.05
CA ALA A 202 -19.92 5.10 -12.94
C ALA A 202 -19.32 3.75 -12.55
N TRP A 203 -18.04 3.72 -12.16
CA TRP A 203 -17.34 2.44 -11.80
C TRP A 203 -16.68 2.43 -10.42
N TRP A 204 -16.56 1.23 -9.83
CA TRP A 204 -15.59 0.99 -8.76
C TRP A 204 -15.08 -0.42 -8.91
N VAL A 205 -13.75 -0.60 -8.98
CA VAL A 205 -13.19 -1.90 -9.34
C VAL A 205 -11.99 -2.10 -8.47
N GLY A 206 -11.64 -3.34 -8.17
CA GLY A 206 -10.44 -3.54 -7.37
C GLY A 206 -10.43 -4.93 -6.79
N TRP A 207 -9.71 -5.12 -5.68
CA TRP A 207 -9.65 -6.41 -5.01
C TRP A 207 -9.36 -6.22 -3.52
N VAL A 208 -9.68 -7.23 -2.74
CA VAL A 208 -9.45 -7.17 -1.30
C VAL A 208 -8.59 -8.38 -0.95
N GLU A 209 -7.45 -8.16 -0.28
CA GLU A 209 -6.65 -9.25 0.27
C GLU A 209 -6.98 -9.37 1.75
N LYS A 210 -7.56 -10.50 2.14
CA LYS A 210 -7.98 -10.70 3.53
C LYS A 210 -7.52 -12.06 4.04
N GLU A 211 -6.71 -12.06 5.10
CA GLU A 211 -6.16 -13.31 5.63
C GLU A 211 -5.34 -13.95 4.53
N THR A 212 -5.65 -15.19 4.18
CA THR A 212 -4.92 -15.79 3.07
C THR A 212 -5.74 -15.83 1.79
N GLU A 213 -6.84 -15.07 1.77
CA GLU A 213 -7.80 -15.15 0.70
C GLU A 213 -7.83 -13.85 -0.12
N VAL A 214 -8.24 -13.92 -1.38
CA VAL A 214 -8.33 -12.68 -2.16
C VAL A 214 -9.62 -12.62 -2.92
N TYR A 215 -10.15 -11.40 -3.08
CA TYR A 215 -11.46 -11.22 -3.68
C TYR A 215 -11.34 -10.14 -4.73
N PHE A 216 -11.84 -10.40 -5.94
CA PHE A 216 -11.78 -9.39 -6.98
C PHE A 216 -13.15 -8.83 -7.25
N PHE A 217 -13.27 -7.50 -7.35
CA PHE A 217 -14.60 -6.97 -7.58
C PHE A 217 -14.66 -5.93 -8.65
N ALA A 218 -15.84 -5.80 -9.23
CA ALA A 218 -16.06 -4.77 -10.22
C ALA A 218 -17.53 -4.41 -10.18
N PHE A 219 -17.80 -3.09 -10.13
CA PHE A 219 -19.14 -2.53 -10.05
C PHE A 219 -19.27 -1.44 -11.09
N ASN A 220 -20.42 -1.38 -11.77
CA ASN A 220 -20.81 -0.18 -12.52
C ASN A 220 -22.29 0.09 -12.42
N MET A 221 -22.71 1.30 -12.80
CA MET A 221 -24.11 1.65 -12.72
C MET A 221 -24.36 2.81 -13.65
N ASP A 222 -25.61 2.92 -14.12
CA ASP A 222 -26.05 4.07 -14.89
C ASP A 222 -26.16 5.25 -13.95
N ILE A 223 -25.75 6.43 -14.42
CA ILE A 223 -25.76 7.62 -13.62
C ILE A 223 -26.15 8.79 -14.51
N ASP A 224 -27.17 9.54 -14.11
CA ASP A 224 -27.50 10.78 -14.84
C ASP A 224 -27.44 12.01 -13.95
N ASN A 225 -26.96 11.83 -12.73
CA ASN A 225 -26.82 12.96 -11.81
C ASN A 225 -25.66 12.76 -10.87
N GLU A 226 -24.76 13.73 -10.81
CA GLU A 226 -23.52 13.59 -10.05
C GLU A 226 -23.81 13.33 -8.58
N SER A 227 -24.95 13.82 -8.11
CA SER A 227 -25.30 13.58 -6.71
C SER A 227 -25.44 12.09 -6.40
N LYS A 228 -25.60 11.24 -7.42
CA LYS A 228 -25.73 9.79 -7.18
C LYS A 228 -24.38 9.07 -7.03
N LEU A 229 -23.31 9.81 -7.29
CA LEU A 229 -21.95 9.24 -7.35
C LEU A 229 -21.49 8.34 -6.16
N PRO A 230 -21.76 8.74 -4.91
CA PRO A 230 -21.39 7.91 -3.74
C PRO A 230 -21.97 6.52 -3.75
N LEU A 231 -23.01 6.27 -4.55
CA LEU A 231 -23.55 4.92 -4.53
C LEU A 231 -22.60 3.98 -5.21
N ARG A 232 -21.66 4.52 -6.00
CA ARG A 232 -20.70 3.63 -6.67
C ARG A 232 -19.77 2.96 -5.69
N LYS A 233 -19.60 3.58 -4.53
CA LYS A 233 -18.84 2.92 -3.47
C LYS A 233 -19.74 2.29 -2.43
N SER A 234 -20.85 2.94 -2.13
CA SER A 234 -21.65 2.46 -0.99
C SER A 234 -22.43 1.16 -1.27
N ILE A 235 -22.91 0.95 -2.49
CA ILE A 235 -23.66 -0.27 -2.78
C ILE A 235 -22.76 -1.52 -2.75
N PRO A 236 -21.55 -1.45 -3.36
CA PRO A 236 -20.68 -2.64 -3.35
C PRO A 236 -20.00 -2.82 -2.01
N THR A 237 -19.85 -1.74 -1.25
CA THR A 237 -19.30 -1.82 0.10
C THR A 237 -20.29 -2.53 1.00
N LYS A 238 -21.57 -2.18 0.84
CA LYS A 238 -22.61 -2.90 1.55
C LYS A 238 -22.58 -4.39 1.26
N ILE A 239 -22.62 -4.73 -0.03
CA ILE A 239 -22.51 -6.12 -0.46
C ILE A 239 -21.26 -6.83 0.13
N MET A 240 -20.09 -6.21 0.03
CA MET A 240 -18.92 -6.87 0.63
C MET A 240 -18.97 -6.92 2.16
N GLU A 241 -19.52 -5.88 2.79
CA GLU A 241 -19.62 -5.86 4.24
C GLU A 241 -20.50 -7.01 4.71
N SER A 242 -21.56 -7.30 3.97
CA SER A 242 -22.51 -8.35 4.32
C SER A 242 -21.99 -9.77 4.02
N GLU A 243 -20.98 -9.85 3.16
CA GLU A 243 -20.32 -11.13 2.85
C GLU A 243 -19.13 -11.36 3.76
N GLY A 244 -18.87 -10.40 4.65
CA GLY A 244 -17.77 -10.52 5.59
C GLY A 244 -16.41 -10.27 4.96
N ILE A 245 -16.40 -9.60 3.83
CA ILE A 245 -15.11 -9.35 3.18
C ILE A 245 -14.45 -8.09 3.72
N ILE A 246 -15.26 -7.12 4.16
CA ILE A 246 -14.74 -5.91 4.77
C ILE A 246 -15.61 -5.47 5.94
N MET B 1 20.55 10.99 5.94
CA MET B 1 20.12 12.37 6.04
C MET B 1 21.31 13.33 6.14
N GLY B 2 21.03 14.62 5.94
CA GLY B 2 22.04 15.67 5.90
C GLY B 2 22.09 16.56 7.14
N SER B 3 20.98 16.71 7.83
CA SER B 3 21.06 17.55 9.03
C SER B 3 19.98 17.23 10.03
N ILE B 4 20.27 17.54 11.29
CA ILE B 4 19.31 17.31 12.34
C ILE B 4 19.25 18.48 13.29
N THR B 5 18.04 18.82 13.71
N THR B 5 18.06 18.76 13.77
CA THR B 5 17.87 19.95 14.61
CA THR B 5 17.85 19.95 14.59
C THR B 5 16.97 19.56 15.78
C THR B 5 16.96 19.61 15.76
N GLU B 6 17.31 20.06 16.96
CA GLU B 6 16.50 19.82 18.14
C GLU B 6 15.33 20.79 18.22
N ASN B 7 14.15 20.27 18.48
CA ASN B 7 13.00 21.12 18.77
C ASN B 7 12.37 20.67 20.07
N THR B 8 12.72 21.34 21.16
CA THR B 8 12.26 20.87 22.48
C THR B 8 10.76 21.10 22.70
N SER B 9 10.14 21.88 21.83
CA SER B 9 8.71 22.03 21.89
C SER B 9 8.03 20.66 21.86
N TRP B 10 8.60 19.69 21.13
CA TRP B 10 7.92 18.41 20.99
C TRP B 10 7.87 17.63 22.30
N ASN B 11 8.66 18.04 23.28
CA ASN B 11 8.57 17.43 24.60
C ASN B 11 7.19 17.60 25.28
N LYS B 12 6.32 18.39 24.66
CA LYS B 12 4.99 18.66 25.20
C LYS B 12 4.19 17.39 25.48
N GLU B 13 4.02 16.59 24.43
CA GLU B 13 3.20 15.39 24.46
C GLU B 13 3.83 14.30 25.30
N PHE B 14 5.15 14.38 25.46
CA PHE B 14 5.86 13.43 26.30
C PHE B 14 5.58 13.76 27.76
N SER B 15 5.67 15.04 28.11
CA SER B 15 5.43 15.42 29.50
C SER B 15 3.98 15.14 29.86
N ALA B 16 3.07 15.61 29.03
CA ALA B 16 1.65 15.29 29.21
C ALA B 16 1.35 13.83 29.57
N GLU B 17 2.11 12.88 29.06
CA GLU B 17 1.82 11.47 29.33
C GLU B 17 2.82 10.84 30.29
N ALA B 18 3.61 11.71 30.92
CA ALA B 18 4.70 11.27 31.80
C ALA B 18 5.62 10.24 31.13
N VAL B 19 6.11 10.54 29.92
CA VAL B 19 6.84 9.55 29.12
C VAL B 19 8.25 10.01 28.77
N ASN B 20 9.23 9.12 28.89
CA ASN B 20 10.56 9.42 28.39
C ASN B 20 10.79 8.72 27.09
N GLY B 21 11.15 9.48 26.06
CA GLY B 21 11.34 8.88 24.75
C GLY B 21 11.70 9.92 23.74
N VAL B 22 11.83 9.50 22.47
CA VAL B 22 12.26 10.38 21.38
C VAL B 22 11.46 10.16 20.11
N PHE B 23 11.34 11.23 19.32
CA PHE B 23 10.71 11.20 18.01
C PHE B 23 11.68 11.91 17.09
N VAL B 24 11.86 11.32 15.92
CA VAL B 24 12.78 11.82 14.92
C VAL B 24 11.97 11.92 13.62
N LEU B 25 11.89 13.11 13.02
CA LEU B 25 11.06 13.26 11.82
C LEU B 25 11.86 13.98 10.76
N CYS B 26 11.99 13.39 9.57
CA CYS B 26 12.78 13.98 8.48
C CYS B 26 12.01 14.18 7.18
N LYS B 27 12.30 15.30 6.55
CA LYS B 27 11.71 15.66 5.26
C LYS B 27 12.67 15.21 4.18
N SER B 28 12.21 14.32 3.30
CA SER B 28 13.11 13.74 2.31
C SER B 28 13.65 14.75 1.29
N SER B 29 12.85 15.74 0.94
CA SER B 29 13.32 16.66 -0.09
C SER B 29 14.50 17.49 0.45
N SER B 30 14.39 17.99 1.68
CA SER B 30 15.42 18.84 2.27
C SER B 30 16.54 18.04 2.93
N LYS B 31 16.29 16.76 3.16
CA LYS B 31 17.28 15.85 3.71
C LYS B 31 17.51 16.17 5.18
N SER B 32 16.62 16.97 5.76
CA SER B 32 16.83 17.49 7.11
C SER B 32 15.83 16.93 8.10
N CYS B 33 16.26 16.84 9.35
CA CYS B 33 15.52 16.10 10.35
C CYS B 33 15.32 16.96 11.55
N ALA B 34 14.24 16.68 12.27
CA ALA B 34 14.04 17.28 13.58
C ALA B 34 13.75 16.24 14.67
N THR B 35 14.15 16.57 15.89
CA THR B 35 13.87 15.69 17.04
C THR B 35 13.60 16.45 18.33
N ASN B 36 12.83 15.84 19.24
CA ASN B 36 12.65 16.46 20.55
C ASN B 36 13.90 16.36 21.43
N ASP B 37 14.80 15.42 21.13
CA ASP B 37 15.93 15.15 22.00
C ASP B 37 17.10 14.54 21.24
N LEU B 38 18.08 15.37 20.89
CA LEU B 38 19.24 14.88 20.14
C LEU B 38 19.95 13.67 20.81
N ALA B 39 20.11 13.72 22.12
CA ALA B 39 20.83 12.69 22.85
C ALA B 39 20.14 11.33 22.70
N ARG B 40 18.87 11.27 23.09
CA ARG B 40 18.15 9.99 22.98
C ARG B 40 18.00 9.55 21.49
N ALA B 41 17.85 10.50 20.58
CA ALA B 41 17.84 10.14 19.15
C ALA B 41 19.01 9.25 18.68
N SER B 42 20.15 9.37 19.35
CA SER B 42 21.38 8.66 18.99
C SER B 42 21.55 7.40 19.83
N LYS B 43 20.79 7.26 20.90
CA LYS B 43 20.92 6.11 21.75
C LYS B 43 20.33 4.88 21.06
N GLU B 44 20.86 3.72 21.37
N GLU B 44 20.93 3.73 21.32
CA GLU B 44 20.61 2.51 20.60
CA GLU B 44 20.63 2.50 20.60
C GLU B 44 19.89 1.43 21.40
C GLU B 44 19.81 1.54 21.45
N TYR B 45 18.77 0.96 20.86
CA TYR B 45 17.93 -0.02 21.57
C TYR B 45 17.66 -1.29 20.78
N LEU B 46 17.33 -2.38 21.47
CA LEU B 46 16.74 -3.55 20.82
C LEU B 46 15.69 -3.15 19.80
N PRO B 47 15.85 -3.59 18.53
CA PRO B 47 14.85 -3.34 17.49
C PRO B 47 13.49 -4.02 17.80
N ALA B 48 13.57 -5.16 18.46
CA ALA B 48 12.41 -6.03 18.61
C ALA B 48 11.75 -6.18 17.24
N SER B 49 10.42 -6.05 17.21
CA SER B 49 9.69 -6.39 16.00
C SER B 49 9.93 -5.46 14.80
N THR B 50 10.57 -4.32 15.05
CA THR B 50 10.92 -3.47 13.92
C THR B 50 11.90 -4.22 13.05
N PHE B 51 12.55 -5.21 13.62
CA PHE B 51 13.53 -5.96 12.85
C PHE B 51 12.86 -6.85 11.77
N CYS B 52 11.55 -7.00 11.80
CA CYS B 52 10.82 -7.73 10.77
CA CYS B 52 10.94 -7.81 10.77
C CYS B 52 11.18 -7.13 9.41
N ILE B 53 11.51 -5.84 9.41
CA ILE B 53 11.69 -5.19 8.10
C ILE B 53 12.97 -5.71 7.40
N PRO B 54 14.14 -5.60 8.06
CA PRO B 54 15.28 -6.21 7.33
C PRO B 54 15.15 -7.74 7.20
N ASN B 55 14.57 -8.38 8.21
CA ASN B 55 14.43 -9.83 8.22
C ASN B 55 13.66 -10.28 6.98
N ALA B 56 12.61 -9.53 6.63
CA ALA B 56 11.77 -9.94 5.50
C ALA B 56 12.53 -9.68 4.22
N ILE B 57 13.36 -8.63 4.21
CA ILE B 57 14.07 -8.31 2.97
C ILE B 57 15.14 -9.39 2.75
N ILE B 58 15.86 -9.71 3.82
CA ILE B 58 16.88 -10.74 3.75
C ILE B 58 16.25 -12.10 3.40
N GLY B 59 15.04 -12.36 3.90
CA GLY B 59 14.36 -13.61 3.60
C GLY B 59 14.05 -13.71 2.11
N LEU B 60 13.49 -12.63 1.57
CA LEU B 60 13.20 -12.60 0.16
C LEU B 60 14.49 -12.77 -0.64
N GLU B 61 15.52 -12.04 -0.25
CA GLU B 61 16.74 -11.95 -1.06
C GLU B 61 17.56 -13.26 -1.10
N THR B 62 17.58 -13.98 0.03
CA THR B 62 18.21 -15.31 0.10
C THR B 62 17.31 -16.39 -0.50
N GLY B 63 16.07 -16.00 -0.84
CA GLY B 63 15.09 -16.91 -1.39
C GLY B 63 14.42 -17.82 -0.37
N VAL B 64 14.73 -17.60 0.90
CA VAL B 64 14.05 -18.30 1.98
C VAL B 64 12.54 -18.03 1.93
N ILE B 65 12.17 -16.77 1.71
CA ILE B 65 10.79 -16.42 1.39
C ILE B 65 10.68 -16.43 -0.14
N LYS B 66 9.72 -17.16 -0.68
CA LYS B 66 9.63 -17.27 -2.13
C LYS B 66 9.20 -15.95 -2.76
N ASN B 67 8.10 -15.39 -2.27
CA ASN B 67 7.59 -14.13 -2.79
C ASN B 67 6.49 -13.61 -1.89
N GLU B 68 5.83 -12.53 -2.31
CA GLU B 68 4.75 -11.96 -1.48
C GLU B 68 3.56 -12.91 -1.37
N HIS B 69 3.37 -13.78 -2.36
CA HIS B 69 2.26 -14.73 -2.29
C HIS B 69 2.60 -15.98 -1.48
N GLN B 70 3.76 -16.02 -0.85
CA GLN B 70 4.04 -17.15 0.02
C GLN B 70 3.16 -17.16 1.27
N VAL B 71 2.66 -18.35 1.58
CA VAL B 71 1.83 -18.56 2.75
C VAL B 71 2.66 -19.28 3.81
N PHE B 72 2.70 -18.73 5.02
CA PHE B 72 3.39 -19.39 6.12
C PHE B 72 2.36 -20.21 6.89
N LYS B 73 2.39 -21.52 6.69
CA LYS B 73 1.37 -22.41 7.21
C LYS B 73 1.54 -22.63 8.70
N TRP B 74 0.46 -22.50 9.48
CA TRP B 74 0.51 -22.86 10.88
C TRP B 74 0.49 -24.38 11.03
N ASP B 75 1.42 -24.92 11.83
CA ASP B 75 1.46 -26.37 12.06
C ASP B 75 0.25 -26.84 12.87
N GLY B 76 -0.15 -26.02 13.84
CA GLY B 76 -1.24 -26.33 14.74
C GLY B 76 -0.83 -26.33 16.22
N LYS B 77 0.47 -26.43 16.46
CA LYS B 77 1.01 -26.47 17.82
C LYS B 77 0.90 -25.09 18.47
N PRO B 78 0.30 -25.02 19.67
CA PRO B 78 -0.06 -23.71 20.25
C PRO B 78 1.11 -22.75 20.32
N ARG B 79 0.87 -21.48 19.96
CA ARG B 79 1.92 -20.45 19.93
C ARG B 79 1.67 -19.42 21.03
N ALA B 80 2.57 -18.44 21.17
CA ALA B 80 2.52 -17.56 22.33
C ALA B 80 1.37 -16.54 22.30
N MET B 81 0.76 -16.38 21.13
CA MET B 81 -0.37 -15.47 21.01
C MET B 81 -1.41 -15.99 20.04
N LYS B 82 -2.67 -15.81 20.39
CA LYS B 82 -3.77 -16.39 19.63
C LYS B 82 -3.75 -15.94 18.17
N GLN B 83 -3.35 -14.69 17.93
CA GLN B 83 -3.41 -14.14 16.57
C GLN B 83 -2.35 -14.76 15.67
N TRP B 84 -1.45 -15.54 16.26
CA TRP B 84 -0.41 -16.23 15.48
C TRP B 84 -0.80 -17.65 15.03
N GLU B 85 -1.93 -18.12 15.51
CA GLU B 85 -2.33 -19.49 15.29
C GLU B 85 -3.28 -19.58 14.11
N ARG B 86 -2.73 -19.33 12.91
CA ARG B 86 -3.49 -19.21 11.67
C ARG B 86 -2.47 -19.16 10.53
N ASP B 87 -2.87 -19.52 9.33
CA ASP B 87 -1.95 -19.33 8.20
C ASP B 87 -1.70 -17.83 8.01
N LEU B 88 -0.56 -17.45 7.46
CA LEU B 88 -0.22 -16.04 7.29
C LEU B 88 0.55 -15.77 6.03
N THR B 89 0.19 -14.69 5.35
CA THR B 89 0.97 -14.15 4.23
C THR B 89 2.11 -13.31 4.79
N LEU B 90 3.04 -12.87 3.94
CA LEU B 90 4.13 -12.04 4.43
C LEU B 90 3.56 -10.86 5.18
N ARG B 91 2.66 -10.14 4.52
CA ARG B 91 2.03 -8.97 5.13
C ARG B 91 1.38 -9.36 6.45
N GLY B 92 0.69 -10.50 6.46
CA GLY B 92 0.01 -10.98 7.65
C GLY B 92 0.99 -11.18 8.80
N ALA B 93 2.15 -11.75 8.50
CA ALA B 93 3.13 -12.02 9.55
C ALA B 93 3.72 -10.70 10.08
N ILE B 94 3.98 -9.79 9.15
CA ILE B 94 4.50 -8.48 9.53
C ILE B 94 3.47 -7.75 10.40
N GLN B 95 2.22 -7.74 9.96
CA GLN B 95 1.16 -6.96 10.60
C GLN B 95 0.86 -7.34 12.04
N VAL B 96 1.00 -8.61 12.40
CA VAL B 96 0.72 -9.02 13.79
C VAL B 96 1.98 -9.37 14.54
N SER B 97 3.12 -9.11 13.91
N SER B 97 3.11 -9.03 13.94
CA SER B 97 4.41 -9.34 14.57
CA SER B 97 4.42 -9.37 14.49
C SER B 97 4.63 -10.81 14.92
C SER B 97 4.46 -10.82 14.93
N ALA B 98 4.40 -11.72 13.96
CA ALA B 98 4.39 -13.17 14.21
C ALA B 98 5.78 -13.76 14.46
N VAL B 99 6.37 -13.41 15.59
CA VAL B 99 7.68 -13.89 16.03
C VAL B 99 8.14 -15.26 15.50
N PRO B 100 7.38 -16.34 15.78
CA PRO B 100 7.91 -17.66 15.37
C PRO B 100 8.14 -17.72 13.86
N VAL B 101 7.37 -16.97 13.10
CA VAL B 101 7.55 -16.93 11.65
C VAL B 101 8.93 -16.37 11.25
N PHE B 102 9.33 -15.28 11.89
CA PHE B 102 10.61 -14.65 11.58
C PHE B 102 11.79 -15.36 12.20
N GLN B 103 11.54 -16.13 13.27
CA GLN B 103 12.58 -16.95 13.88
C GLN B 103 12.98 -18.06 12.92
N GLN B 104 11.97 -18.68 12.29
CA GLN B 104 12.18 -19.73 11.31
C GLN B 104 12.89 -19.17 10.09
N ILE B 105 12.45 -18.00 9.65
CA ILE B 105 13.13 -17.34 8.55
C ILE B 105 14.62 -17.06 8.87
N ALA B 106 14.91 -16.53 10.06
CA ALA B 106 16.30 -16.28 10.49
C ALA B 106 17.11 -17.56 10.48
N ARG B 107 16.54 -18.61 11.05
CA ARG B 107 17.25 -19.89 11.16
C ARG B 107 17.64 -20.36 9.79
N GLU B 108 16.79 -20.14 8.80
CA GLU B 108 17.10 -20.65 7.48
C GLU B 108 18.06 -19.74 6.76
N VAL B 109 18.10 -18.49 7.17
CA VAL B 109 19.06 -17.55 6.60
C VAL B 109 20.44 -17.88 7.12
N GLY B 110 20.52 -18.12 8.43
CA GLY B 110 21.77 -18.45 9.07
C GLY B 110 22.63 -17.26 9.46
N GLU B 111 23.57 -17.51 10.34
CA GLU B 111 24.41 -16.49 10.90
C GLU B 111 25.27 -15.75 9.88
N VAL B 112 25.98 -16.48 9.04
CA VAL B 112 26.92 -15.89 8.09
C VAL B 112 26.21 -14.89 7.16
N ARG B 113 25.13 -15.36 6.52
CA ARG B 113 24.37 -14.52 5.63
C ARG B 113 23.69 -13.33 6.37
N MET B 114 23.16 -13.58 7.56
CA MET B 114 22.48 -12.54 8.33
C MET B 114 23.48 -11.41 8.66
N GLN B 115 24.64 -11.84 9.12
CA GLN B 115 25.75 -10.94 9.39
C GLN B 115 26.09 -10.07 8.17
N LYS B 116 26.26 -10.73 7.02
CA LYS B 116 26.53 -10.07 5.74
C LYS B 116 25.52 -8.96 5.43
N TYR B 117 24.24 -9.24 5.64
CA TYR B 117 23.23 -8.32 5.12
C TYR B 117 23.08 -7.17 6.10
N LEU B 118 23.32 -7.42 7.39
CA LEU B 118 23.22 -6.31 8.33
C LEU B 118 24.39 -5.36 8.11
N LYS B 119 25.50 -5.90 7.60
CA LYS B 119 26.63 -5.06 7.26
C LYS B 119 26.26 -4.21 6.04
N LYS B 120 25.72 -4.86 5.01
CA LYS B 120 25.30 -4.10 3.82
C LYS B 120 24.29 -3.01 4.20
N PHE B 121 23.40 -3.31 5.15
CA PHE B 121 22.30 -2.36 5.46
C PHE B 121 22.75 -1.29 6.47
N SER B 122 23.99 -1.40 6.95
CA SER B 122 24.43 -0.55 8.06
C SER B 122 23.39 -0.58 9.17
N TYR B 123 22.94 -1.77 9.56
CA TYR B 123 21.86 -1.86 10.52
C TYR B 123 22.36 -1.84 11.96
N GLY B 124 22.30 -0.68 12.62
CA GLY B 124 22.63 -0.60 14.04
C GLY B 124 24.03 -1.06 14.36
N ASN B 125 24.24 -1.58 15.57
CA ASN B 125 25.55 -2.11 15.92
C ASN B 125 25.93 -3.41 15.21
N GLN B 126 25.05 -3.93 14.32
CA GLN B 126 25.32 -5.17 13.57
C GLN B 126 25.71 -6.36 14.47
N ASN B 127 25.19 -6.38 15.70
CA ASN B 127 25.61 -7.43 16.62
C ASN B 127 24.58 -8.54 16.79
N ILE B 128 24.80 -9.66 16.10
CA ILE B 128 23.79 -10.74 16.06
C ILE B 128 24.04 -11.90 17.03
N SER B 129 24.95 -11.67 17.96
CA SER B 129 25.21 -12.65 19.01
C SER B 129 23.98 -12.86 19.90
N GLY B 130 23.92 -14.04 20.50
CA GLY B 130 22.80 -14.40 21.35
C GLY B 130 21.88 -15.47 20.77
N GLY B 131 22.28 -16.10 19.66
CA GLY B 131 21.41 -17.06 19.00
C GLY B 131 20.74 -16.45 17.77
N ILE B 132 20.92 -17.09 16.63
CA ILE B 132 20.44 -16.58 15.34
C ILE B 132 18.94 -16.34 15.32
N ASP B 133 18.22 -16.90 16.29
CA ASP B 133 16.77 -16.72 16.31
C ASP B 133 16.20 -15.88 17.46
N LYS B 134 17.06 -15.10 18.14
CA LYS B 134 16.57 -14.20 19.17
C LYS B 134 17.42 -12.95 19.39
N PHE B 135 18.45 -12.77 18.59
CA PHE B 135 19.40 -11.69 18.83
C PHE B 135 18.67 -10.32 18.73
N TRP B 136 17.52 -10.26 18.05
CA TRP B 136 16.86 -8.96 17.90
C TRP B 136 15.81 -8.74 18.99
N LEU B 137 15.54 -9.78 19.75
CA LEU B 137 14.49 -9.77 20.74
C LEU B 137 15.03 -9.79 22.16
N GLU B 138 16.14 -10.49 22.37
CA GLU B 138 16.70 -10.59 23.71
C GLU B 138 18.20 -10.60 23.68
N GLY B 139 18.76 -10.31 22.51
CA GLY B 139 20.19 -10.33 22.32
C GLY B 139 20.92 -9.00 22.44
N GLN B 140 22.06 -8.92 21.72
CA GLN B 140 23.01 -7.82 21.82
C GLN B 140 22.80 -6.76 20.72
N LEU B 141 21.89 -7.04 19.81
CA LEU B 141 21.59 -6.07 18.71
C LEU B 141 20.86 -4.79 19.21
N ARG B 142 21.36 -3.62 18.79
CA ARG B 142 20.85 -2.31 19.19
C ARG B 142 20.83 -1.39 17.96
N ILE B 143 19.84 -0.48 17.88
CA ILE B 143 19.78 0.47 16.78
C ILE B 143 19.19 1.76 17.30
N SER B 144 19.55 2.90 16.71
CA SER B 144 18.99 4.19 17.13
C SER B 144 17.88 4.71 16.22
N ALA B 145 17.14 5.71 16.69
CA ALA B 145 16.04 6.35 15.90
C ALA B 145 16.58 6.93 14.58
N VAL B 146 17.76 7.54 14.68
CA VAL B 146 18.46 8.12 13.54
C VAL B 146 18.85 7.05 12.52
N ASN B 147 19.47 5.98 12.99
CA ASN B 147 19.82 4.85 12.13
C ASN B 147 18.57 4.25 11.44
N GLN B 148 17.49 4.15 12.20
CA GLN B 148 16.21 3.64 11.69
C GLN B 148 15.70 4.52 10.52
N VAL B 149 15.70 5.84 10.66
CA VAL B 149 15.20 6.68 9.57
C VAL B 149 16.12 6.59 8.33
N GLU B 150 17.43 6.46 8.53
CA GLU B 150 18.35 6.29 7.40
C GLU B 150 18.08 5.01 6.64
N PHE B 151 17.96 3.91 7.38
CA PHE B 151 17.58 2.62 6.81
C PHE B 151 16.22 2.70 6.07
N LEU B 152 15.21 3.35 6.64
CA LEU B 152 13.93 3.48 5.92
C LEU B 152 14.08 4.28 4.63
N GLU B 153 14.82 5.38 4.70
CA GLU B 153 14.98 6.18 3.50
C GLU B 153 15.55 5.33 2.40
N SER B 154 16.56 4.51 2.73
CA SER B 154 17.20 3.61 1.76
C SER B 154 16.19 2.65 1.14
N LEU B 155 15.35 2.07 2.01
CA LEU B 155 14.31 1.15 1.53
C LEU B 155 13.36 1.84 0.56
N TYR B 156 12.85 2.99 1.00
CA TYR B 156 11.98 3.81 0.16
C TYR B 156 12.55 4.10 -1.24
N LEU B 157 13.87 4.37 -1.30
CA LEU B 157 14.56 4.80 -2.52
C LEU B 157 15.03 3.56 -3.31
N ASN B 158 14.75 2.37 -2.78
CA ASN B 158 15.22 1.11 -3.35
C ASN B 158 16.75 1.01 -3.37
N LYS B 159 17.38 1.73 -2.45
CA LYS B 159 18.84 1.74 -2.37
C LYS B 159 19.50 0.64 -1.49
N LEU B 160 18.70 -0.16 -0.80
CA LEU B 160 19.30 -1.26 -0.05
C LEU B 160 19.91 -2.26 -1.03
N SER B 161 20.89 -3.04 -0.55
N SER B 161 20.89 -3.04 -0.55
CA SER B 161 21.57 -4.01 -1.37
CA SER B 161 21.57 -4.00 -1.42
C SER B 161 20.67 -5.23 -1.47
C SER B 161 20.70 -5.23 -1.50
N ALA B 162 19.62 -5.09 -2.26
CA ALA B 162 18.67 -6.16 -2.45
C ALA B 162 18.00 -5.78 -3.73
N SER B 163 17.24 -6.68 -4.35
CA SER B 163 16.61 -6.35 -5.62
C SER B 163 15.49 -5.34 -5.39
N LYS B 164 15.27 -4.47 -6.37
CA LYS B 164 14.15 -3.52 -6.28
C LYS B 164 12.81 -4.24 -6.09
N GLU B 165 12.64 -5.34 -6.80
CA GLU B 165 11.44 -6.15 -6.67
C GLU B 165 11.22 -6.63 -5.22
N ASN B 166 12.29 -7.10 -4.57
CA ASN B 166 12.16 -7.53 -3.15
C ASN B 166 11.89 -6.36 -2.19
N GLN B 167 12.39 -5.17 -2.52
CA GLN B 167 12.15 -3.99 -1.68
C GLN B 167 10.71 -3.56 -1.84
N LEU B 168 10.24 -3.58 -3.09
CA LEU B 168 8.83 -3.25 -3.36
C LEU B 168 7.93 -4.23 -2.63
N ILE B 169 8.25 -5.51 -2.73
CA ILE B 169 7.43 -6.48 -1.98
C ILE B 169 7.25 -6.08 -0.50
N VAL B 170 8.34 -5.71 0.18
CA VAL B 170 8.30 -5.40 1.60
C VAL B 170 7.63 -4.05 1.84
N LYS B 171 7.88 -3.10 0.94
N LYS B 171 7.89 -3.09 0.95
CA LYS B 171 7.28 -1.77 1.10
CA LYS B 171 7.26 -1.78 1.11
C LYS B 171 5.75 -1.88 1.15
C LYS B 171 5.75 -1.95 1.21
N GLU B 172 5.18 -2.72 0.30
CA GLU B 172 3.73 -2.85 0.23
C GLU B 172 3.26 -3.53 1.48
N ALA B 173 4.04 -4.53 1.93
CA ALA B 173 3.65 -5.28 3.09
C ALA B 173 3.50 -4.36 4.30
N LEU B 174 4.26 -3.27 4.28
CA LEU B 174 4.32 -2.31 5.39
C LEU B 174 3.19 -1.26 5.45
N VAL B 175 2.34 -1.21 4.43
CA VAL B 175 1.32 -0.15 4.43
C VAL B 175 0.34 -0.33 5.60
N THR B 176 0.16 0.70 6.40
CA THR B 176 -0.74 0.57 7.57
C THR B 176 -1.92 1.57 7.58
N GLU B 177 -1.83 2.61 6.77
CA GLU B 177 -2.96 3.50 6.61
C GLU B 177 -3.03 4.13 5.21
N ALA B 178 -4.19 4.14 4.57
CA ALA B 178 -4.28 4.78 3.26
C ALA B 178 -5.34 5.88 3.19
N ALA B 179 -4.98 6.97 2.54
CA ALA B 179 -5.91 8.05 2.30
C ALA B 179 -5.58 8.70 0.95
N PRO B 180 -6.53 9.45 0.40
CA PRO B 180 -6.29 10.02 -0.93
C PRO B 180 -5.01 10.88 -0.97
N GLU B 181 -4.82 11.71 0.07
CA GLU B 181 -3.71 12.66 0.13
C GLU B 181 -2.40 12.13 0.74
N TYR B 182 -2.45 10.98 1.41
CA TYR B 182 -1.24 10.39 1.97
C TYR B 182 -1.30 8.87 2.18
N LEU B 183 -0.13 8.26 2.16
CA LEU B 183 0.02 6.85 2.45
C LEU B 183 1.00 6.71 3.63
N VAL B 184 0.66 5.92 4.64
CA VAL B 184 1.60 5.68 5.74
C VAL B 184 2.11 4.24 5.61
N HIS B 185 3.43 4.06 5.69
CA HIS B 185 4.01 2.74 5.89
C HIS B 185 4.63 2.71 7.27
N SER B 186 4.36 1.69 8.10
CA SER B 186 5.01 1.67 9.42
C SER B 186 5.12 0.28 10.06
N LYS B 187 5.88 0.19 11.15
CA LYS B 187 6.08 -1.06 11.88
C LYS B 187 6.26 -0.78 13.38
N THR B 188 5.56 -1.53 14.23
CA THR B 188 5.74 -1.37 15.65
C THR B 188 6.76 -2.38 16.21
N GLY B 189 7.20 -2.13 17.44
CA GLY B 189 8.07 -3.05 18.17
C GLY B 189 7.87 -2.86 19.67
N PHE B 190 8.14 -3.90 20.46
CA PHE B 190 7.99 -3.81 21.89
C PHE B 190 8.78 -4.97 22.46
N SER B 191 9.84 -4.64 23.19
CA SER B 191 10.79 -5.61 23.74
C SER B 191 10.23 -6.36 24.93
N GLY B 192 9.30 -5.74 25.64
CA GLY B 192 8.78 -6.30 26.89
C GLY B 192 8.85 -5.22 27.95
N VAL B 193 8.35 -5.47 29.17
CA VAL B 193 8.26 -4.38 30.14
C VAL B 193 9.50 -4.22 31.00
N GLY B 194 10.43 -5.15 30.89
CA GLY B 194 11.65 -5.05 31.66
C GLY B 194 11.33 -4.72 33.11
N THR B 195 11.82 -3.59 33.59
CA THR B 195 11.61 -3.18 34.98
C THR B 195 11.46 -1.67 35.12
N GLU B 196 11.01 -1.22 36.29
CA GLU B 196 10.92 0.21 36.57
C GLU B 196 12.32 0.82 36.57
N SER B 197 13.31 0.02 36.96
CA SER B 197 14.71 0.41 36.93
C SER B 197 15.32 0.15 35.56
N ASN B 198 15.03 -1.00 34.98
CA ASN B 198 15.46 -1.33 33.61
C ASN B 198 14.29 -1.48 32.64
N PRO B 199 13.62 -0.37 32.27
CA PRO B 199 12.43 -0.48 31.44
C PRO B 199 12.73 -1.13 30.09
N GLY B 200 11.70 -1.70 29.46
CA GLY B 200 11.79 -2.10 28.06
C GLY B 200 11.66 -0.91 27.13
N VAL B 201 11.62 -1.15 25.81
CA VAL B 201 11.44 -0.10 24.80
C VAL B 201 10.26 -0.43 23.89
N ALA B 202 9.56 0.61 23.42
CA ALA B 202 8.57 0.42 22.37
C ALA B 202 8.91 1.37 21.22
N TRP B 203 8.67 0.90 20.00
CA TRP B 203 9.03 1.61 18.76
C TRP B 203 7.81 1.80 17.89
N TRP B 204 7.81 2.87 17.09
CA TRP B 204 6.96 2.97 15.93
C TRP B 204 7.81 3.69 14.89
N VAL B 205 8.14 3.01 13.81
CA VAL B 205 8.93 3.62 12.74
C VAL B 205 8.24 3.50 11.41
N GLY B 206 8.57 4.39 10.46
CA GLY B 206 7.85 4.30 9.21
C GLY B 206 8.10 5.51 8.36
N TRP B 207 7.24 5.69 7.36
CA TRP B 207 7.26 6.89 6.55
C TRP B 207 5.89 7.24 6.00
N VAL B 208 5.72 8.52 5.67
CA VAL B 208 4.44 9.01 5.17
C VAL B 208 4.70 9.71 3.83
N GLU B 209 3.97 9.28 2.80
N GLU B 209 3.94 9.33 2.80
CA GLU B 209 4.01 9.92 1.49
CA GLU B 209 4.07 9.92 1.50
C GLU B 209 2.80 10.84 1.43
C GLU B 209 2.84 10.81 1.31
N LYS B 210 3.04 12.13 1.22
CA LYS B 210 1.94 13.10 1.16
C LYS B 210 2.18 14.19 0.13
N GLU B 211 1.25 14.35 -0.81
CA GLU B 211 1.47 15.23 -1.94
C GLU B 211 2.75 14.71 -2.60
N THR B 212 3.73 15.56 -2.84
CA THR B 212 5.01 15.07 -3.39
C THR B 212 6.14 14.98 -2.35
N GLU B 213 5.78 15.05 -1.07
CA GLU B 213 6.81 15.00 -0.02
C GLU B 213 6.77 13.63 0.59
N VAL B 214 7.88 13.26 1.22
CA VAL B 214 7.98 12.04 1.99
C VAL B 214 8.63 12.47 3.27
N TYR B 215 8.05 12.02 4.37
CA TYR B 215 8.55 12.20 5.75
C TYR B 215 8.87 10.83 6.35
N PHE B 216 10.09 10.67 6.84
CA PHE B 216 10.50 9.44 7.48
C PHE B 216 10.42 9.64 8.99
N PHE B 217 9.97 8.63 9.73
CA PHE B 217 9.93 8.81 11.19
C PHE B 217 10.38 7.61 12.01
N ALA B 218 10.82 7.90 13.23
CA ALA B 218 11.15 6.82 14.15
C ALA B 218 10.84 7.29 15.57
N PHE B 219 10.05 6.51 16.31
CA PHE B 219 9.67 6.86 17.68
C PHE B 219 10.14 5.71 18.57
N ASN B 220 10.69 6.04 19.72
CA ASN B 220 10.86 5.08 20.80
C ASN B 220 10.71 5.71 22.19
N MET B 221 10.43 4.86 23.18
CA MET B 221 10.11 5.32 24.51
C MET B 221 10.41 4.14 25.46
N ASP B 222 10.73 4.47 26.71
CA ASP B 222 10.81 3.45 27.76
C ASP B 222 9.42 3.04 28.15
N ILE B 223 9.27 1.75 28.43
CA ILE B 223 7.96 1.25 28.83
C ILE B 223 8.10 0.23 29.96
N ASP B 224 7.45 0.51 31.07
CA ASP B 224 7.47 -0.45 32.17
C ASP B 224 6.05 -0.87 32.54
N ASN B 225 5.10 -0.66 31.63
CA ASN B 225 3.71 -1.04 31.89
C ASN B 225 2.94 -1.11 30.59
N GLU B 226 2.41 -2.28 30.27
CA GLU B 226 1.70 -2.47 29.01
C GLU B 226 0.58 -1.45 28.79
N SER B 227 0.08 -0.85 29.86
CA SER B 227 -1.00 0.11 29.69
C SER B 227 -0.55 1.33 28.87
N LYS B 228 0.75 1.49 28.72
CA LYS B 228 1.26 2.69 28.07
C LYS B 228 1.59 2.45 26.60
N LEU B 229 1.34 1.25 26.12
CA LEU B 229 1.83 0.86 24.82
C LEU B 229 1.21 1.67 23.66
N PRO B 230 -0.10 1.98 23.75
CA PRO B 230 -0.71 2.80 22.70
C PRO B 230 -0.09 4.19 22.55
N LEU B 231 0.69 4.62 23.54
CA LEU B 231 1.38 5.90 23.43
C LEU B 231 2.37 5.90 22.28
N ARG B 232 2.91 4.71 21.97
CA ARG B 232 3.94 4.59 20.93
C ARG B 232 3.38 5.00 19.56
N LYS B 233 2.07 5.08 19.44
CA LYS B 233 1.47 5.61 18.22
C LYS B 233 0.80 6.96 18.48
N SER B 234 0.15 7.10 19.63
CA SER B 234 -0.66 8.30 19.80
C SER B 234 0.24 9.55 19.87
N ILE B 235 1.40 9.45 20.53
CA ILE B 235 2.30 10.61 20.61
C ILE B 235 2.92 11.04 19.25
N PRO B 236 3.54 10.10 18.52
CA PRO B 236 4.08 10.51 17.21
C PRO B 236 2.98 11.02 16.27
N THR B 237 1.83 10.36 16.30
CA THR B 237 0.66 10.79 15.51
C THR B 237 0.19 12.22 15.80
N LYS B 238 -0.01 12.59 17.07
CA LYS B 238 -0.28 13.99 17.45
C LYS B 238 0.78 14.95 16.90
N ILE B 239 2.04 14.51 16.88
CA ILE B 239 3.09 15.42 16.43
C ILE B 239 3.02 15.59 14.91
N MET B 240 2.86 14.50 14.18
CA MET B 240 2.68 14.64 12.73
C MET B 240 1.37 15.37 12.34
N GLU B 241 0.34 15.26 13.15
CA GLU B 241 -0.88 16.05 12.90
C GLU B 241 -0.57 17.52 13.08
N SER B 242 0.10 17.88 14.17
CA SER B 242 0.38 19.31 14.44
C SER B 242 1.28 19.92 13.38
N GLU B 243 1.99 19.06 12.64
CA GLU B 243 2.90 19.49 11.59
C GLU B 243 2.19 19.38 10.25
N GLY B 244 0.91 19.03 10.31
CA GLY B 244 0.07 19.01 9.12
C GLY B 244 0.34 17.87 8.18
N ILE B 245 1.04 16.84 8.65
CA ILE B 245 1.43 15.73 7.81
C ILE B 245 0.37 14.64 7.64
N ILE B 246 -0.39 14.34 8.69
CA ILE B 246 -1.48 13.37 8.58
C ILE B 246 -2.76 13.83 9.28
O1 ZZ7 C . -13.96 9.88 -10.12
C2 ZZ7 C . -14.55 10.96 -10.41
O2 ZZ7 C . -15.48 11.42 -9.71
C12 ZZ7 C . -14.15 11.68 -11.67
C6 ZZ7 C . -13.42 13.02 -11.49
C1 ZZ7 C . -12.38 12.98 -10.37
C16 ZZ7 C . -14.36 14.17 -11.20
S1 ZZ7 C . -12.60 13.29 -13.03
N3 ZZ7 C . -13.24 10.87 -12.47
C13 ZZ7 C . -12.24 11.58 -13.23
C14 ZZ7 C . -12.30 11.13 -14.68
C15 ZZ7 C . -12.20 9.62 -14.56
O4 ZZ7 C . -13.22 8.93 -14.32
N1 ZZ7 C . -13.60 11.52 -15.21
C3 ZZ7 C . -13.68 12.23 -16.32
O3 ZZ7 C . -12.67 12.52 -16.94
C4 ZZ7 C . -15.00 12.74 -16.79
N2 ZZ7 C . -14.79 13.29 -18.12
C5 ZZ7 C . -15.42 13.74 -15.78
C7 ZZ7 C . -16.60 13.56 -15.05
C8 ZZ7 C . -16.98 14.49 -14.09
C9 ZZ7 C . -16.18 15.60 -13.83
C10 ZZ7 C . -15.00 15.78 -14.53
C11 ZZ7 C . -14.63 14.84 -15.50
S SO4 D . -22.68 1.78 -26.68
O1 SO4 D . -21.64 0.74 -26.76
O2 SO4 D . -23.85 1.29 -27.42
O3 SO4 D . -23.05 2.02 -25.29
O4 SO4 D . -22.23 3.06 -27.23
S SO4 E . -9.05 7.16 -35.51
O1 SO4 E . -8.49 5.86 -35.18
O2 SO4 E . -10.50 7.05 -35.79
O3 SO4 E . -8.88 8.09 -34.40
O4 SO4 E . -8.35 7.64 -36.70
S SO4 F . -12.90 9.11 -10.73
O1 SO4 F . -12.26 7.81 -10.82
O2 SO4 F . -14.35 8.94 -10.74
O3 SO4 F . -12.48 9.75 -9.49
O4 SO4 F . -12.50 9.94 -11.87
O1 ZZ7 G . 3.50 -5.49 19.67
C2 ZZ7 G . 3.52 -6.24 20.68
O2 ZZ7 G . 2.77 -6.11 21.68
C12 ZZ7 G . 4.51 -7.36 20.66
C6 ZZ7 G . 3.86 -8.69 20.93
C1 ZZ7 G . 2.54 -8.82 20.18
C16 ZZ7 G . 3.68 -8.85 22.43
S1 ZZ7 G . 5.01 -9.89 20.33
N3 ZZ7 G . 5.20 -7.48 19.40
C13 ZZ7 G . 5.77 -8.79 19.17
C14 ZZ7 G . 7.28 -8.69 19.39
C15 ZZ7 G . 7.78 -7.50 18.59
O4 ZZ7 G . 7.93 -6.42 19.15
N1 ZZ7 G . 7.50 -8.53 20.82
C3 ZZ7 G . 8.09 -9.47 21.59
O3 ZZ7 G . 8.32 -10.59 21.17
C4 ZZ7 G . 8.50 -9.17 23.00
N2 ZZ7 G . 9.55 -10.12 23.36
C5 ZZ7 G . 7.32 -9.31 23.88
C7 ZZ7 G . 7.04 -8.33 24.84
C8 ZZ7 G . 5.94 -8.43 25.70
C9 ZZ7 G . 5.11 -9.52 25.59
C10 ZZ7 G . 5.37 -10.51 24.65
C11 ZZ7 G . 6.47 -10.42 23.79
S SO4 H . 22.86 -15.37 -0.57
O1 SO4 H . 22.21 -15.11 -1.86
O2 SO4 H . 22.43 -16.69 -0.11
O3 SO4 H . 24.32 -15.35 -0.71
O4 SO4 H . 22.48 -14.33 0.40
S SO4 I . 4.58 -5.28 18.31
O1 SO4 I . 4.17 -5.55 16.93
O2 SO4 I . 3.39 -5.20 19.14
O3 SO4 I . 5.47 -6.34 18.77
O4 SO4 I . 5.28 -4.02 18.41
#